data_2XTN
#
_entry.id   2XTN
#
_cell.length_a   58.010
_cell.length_b   69.200
_cell.length_c   116.620
_cell.angle_alpha   90.00
_cell.angle_beta   90.00
_cell.angle_gamma   90.00
#
_symmetry.space_group_name_H-M   'C 2 2 21'
#
loop_
_entity.id
_entity.type
_entity.pdbx_description
1 polymer 'GTPASE IMAP FAMILY MEMBER 2'
2 non-polymer "GUANOSINE-5'-TRIPHOSPHATE"
3 non-polymer 'MAGNESIUM ION'
4 water water
#
_entity_poly.entity_id   1
_entity_poly.type   'polypeptide(L)'
_entity_poly.pdbx_seq_one_letter_code
;MDQNEHSHWGPHAKGQCASRSELRIILVGKTGTGKSAAGNSILRKQAFESKLGSQTLTKTCSKSQGSWGNREIVIIDTPD
MFSWKDHCEALYKEVQRCYLLSAPGPHVLLLVTQLGRYTSQDQQAAQRVKEIFGEDAMGHTIVLFTHKEDLNGGSLMDYM
HDSDNKALSKLVAACGGRICAFNNRAEGSNQDDQVKELMDCIEDLLMEKNGDHYTNGLYSLIQRSKCGPVGSDE
;
_entity_poly.pdbx_strand_id   A
#
# COMPACT_ATOMS: atom_id res chain seq x y z
N SER A 21 -7.59 5.16 -17.76
CA SER A 21 -6.24 5.66 -17.38
C SER A 21 -6.01 5.64 -15.86
N GLU A 22 -6.95 5.04 -15.13
CA GLU A 22 -6.81 4.90 -13.67
C GLU A 22 -5.61 4.03 -13.34
N LEU A 23 -4.91 4.44 -12.28
CA LEU A 23 -3.92 3.58 -11.65
C LEU A 23 -4.35 3.46 -10.20
N ARG A 24 -4.80 2.26 -9.81
CA ARG A 24 -5.37 2.06 -8.47
C ARG A 24 -4.35 1.48 -7.52
N ILE A 25 -4.21 2.13 -6.37
CA ILE A 25 -3.23 1.77 -5.34
C ILE A 25 -3.96 1.53 -4.03
N ILE A 26 -3.72 0.38 -3.40
CA ILE A 26 -4.22 0.15 -2.04
C ILE A 26 -3.07 0.26 -1.03
N LEU A 27 -3.26 1.13 -0.03
CA LEU A 27 -2.30 1.26 1.07
C LEU A 27 -2.59 0.18 2.09
N VAL A 28 -1.62 -0.71 2.28
CA VAL A 28 -1.75 -1.82 3.23
C VAL A 28 -0.59 -1.82 4.22
N GLY A 29 -0.76 -2.60 5.30
CA GLY A 29 0.28 -2.73 6.29
C GLY A 29 -0.21 -2.55 7.71
N LYS A 30 0.72 -2.72 8.64
CA LYS A 30 0.49 -2.51 10.06
C LYS A 30 0.01 -1.08 10.36
N THR A 31 -0.82 -0.95 11.38
CA THR A 31 -1.29 0.35 11.86
C THR A 31 -0.12 1.24 12.32
N GLY A 32 -0.24 2.54 12.03
CA GLY A 32 0.70 3.56 12.53
C GLY A 32 2.00 3.71 11.76
N THR A 33 2.16 2.94 10.69
CA THR A 33 3.38 3.00 9.86
C THR A 33 3.49 4.23 8.96
N GLY A 34 2.38 4.95 8.82
CA GLY A 34 2.33 6.12 7.94
C GLY A 34 1.60 5.83 6.64
N LYS A 35 0.60 4.94 6.68
CA LYS A 35 -0.20 4.63 5.50
C LYS A 35 -0.94 5.86 4.97
N SER A 36 -1.72 6.50 5.83
CA SER A 36 -2.50 7.67 5.43
C SER A 36 -1.57 8.79 4.96
N ALA A 37 -0.49 9.01 5.73
CA ALA A 37 0.53 9.99 5.37
C ALA A 37 1.15 9.72 3.99
N ALA A 38 1.40 8.45 3.65
CA ALA A 38 1.94 8.10 2.33
C ALA A 38 0.99 8.46 1.20
N GLY A 39 -0.30 8.18 1.40
CA GLY A 39 -1.32 8.54 0.42
C GLY A 39 -1.32 10.04 0.20
N ASN A 40 -1.19 10.79 1.29
CA ASN A 40 -1.09 12.25 1.24
C ASN A 40 0.14 12.72 0.47
N SER A 41 1.27 12.05 0.68
CA SER A 41 2.51 12.36 -0.02
C SER A 41 2.37 12.14 -1.54
N ILE A 42 1.70 11.06 -1.91
CA ILE A 42 1.55 10.67 -3.31
C ILE A 42 0.64 11.65 -4.05
N LEU A 43 -0.44 12.04 -3.40
CA LEU A 43 -1.45 12.89 -3.99
C LEU A 43 -1.11 14.37 -3.80
N ARG A 44 -0.10 14.61 -2.99
CA ARG A 44 0.32 15.95 -2.67
C ARG A 44 -0.81 16.84 -2.13
N LYS A 45 -1.66 16.27 -1.29
CA LYS A 45 -2.72 16.96 -0.65
C LYS A 45 -3.18 16.15 0.55
N GLN A 46 -3.92 16.80 1.43
CA GLN A 46 -4.37 16.16 2.63
C GLN A 46 -5.60 15.34 2.39
N ALA A 47 -5.45 14.27 1.66
CA ALA A 47 -6.58 13.44 1.32
C ALA A 47 -7.07 12.57 2.44
N PHE A 48 -6.18 12.10 3.28
CA PHE A 48 -6.50 11.14 4.33
C PHE A 48 -6.07 11.68 5.68
N GLU A 49 -6.97 11.59 6.66
CA GLU A 49 -6.63 12.10 8.00
C GLU A 49 -5.41 11.39 8.56
N SER A 50 -4.43 12.18 8.99
CA SER A 50 -3.12 11.72 9.45
C SER A 50 -2.61 12.68 10.53
N LYS A 51 -2.30 12.17 11.72
CA LYS A 51 -1.77 13.01 12.79
C LYS A 51 -1.14 12.19 13.92
N LEU A 52 -0.42 12.88 14.81
CA LEU A 52 0.24 12.23 15.96
C LEU A 52 -0.77 11.66 16.94
N GLY A 53 -0.48 10.46 17.44
CA GLY A 53 -1.35 9.82 18.42
C GLY A 53 -1.02 8.35 18.55
N SER A 54 -1.14 7.83 19.77
CA SER A 54 -0.77 6.45 20.06
C SER A 54 -1.81 5.41 19.63
N GLN A 55 -3.06 5.84 19.47
CA GLN A 55 -4.12 4.92 19.02
C GLN A 55 -4.34 4.99 17.51
N THR A 56 -4.95 3.93 16.96
CA THR A 56 -5.25 3.85 15.53
C THR A 56 -6.23 4.95 15.09
N LEU A 57 -5.90 5.66 14.02
CA LEU A 57 -6.71 6.77 13.55
C LEU A 57 -7.72 6.37 12.46
N THR A 58 -7.22 5.78 11.38
CA THR A 58 -8.10 5.36 10.28
C THR A 58 -8.94 4.16 10.73
N LYS A 59 -10.26 4.35 10.70
CA LYS A 59 -11.22 3.36 11.19
C LYS A 59 -12.08 2.77 10.06
N THR A 60 -12.04 3.41 8.90
CA THR A 60 -12.76 2.92 7.72
C THR A 60 -11.93 3.16 6.47
N CYS A 61 -12.15 2.35 5.44
CA CYS A 61 -11.49 2.57 4.16
C CYS A 61 -11.97 3.91 3.58
N SER A 62 -11.08 4.55 2.83
CA SER A 62 -11.35 5.81 2.17
CA SER A 62 -11.47 5.74 2.09
C SER A 62 -10.70 5.79 0.78
N LYS A 63 -11.25 6.56 -0.15
CA LYS A 63 -10.72 6.66 -1.49
C LYS A 63 -10.50 8.12 -1.83
N SER A 64 -9.37 8.42 -2.45
CA SER A 64 -9.10 9.74 -3.00
C SER A 64 -8.32 9.61 -4.29
N GLN A 65 -8.20 10.68 -5.05
CA GLN A 65 -7.50 10.62 -6.32
C GLN A 65 -6.79 11.90 -6.69
N GLY A 66 -5.88 11.78 -7.65
CA GLY A 66 -5.17 12.92 -8.22
C GLY A 66 -4.50 12.52 -9.52
N SER A 67 -4.06 13.49 -10.31
CA SER A 67 -3.36 13.18 -11.55
C SER A 67 -1.85 13.04 -11.30
N TRP A 68 -1.21 12.20 -12.11
CA TRP A 68 0.24 12.16 -12.19
C TRP A 68 0.64 11.68 -13.58
N GLY A 69 1.46 12.48 -14.28
CA GLY A 69 1.70 12.25 -15.71
C GLY A 69 0.35 12.27 -16.41
N ASN A 70 0.10 11.29 -17.26
CA ASN A 70 -1.19 11.14 -17.91
C ASN A 70 -2.03 9.97 -17.33
N ARG A 71 -1.90 9.74 -16.02
CA ARG A 71 -2.75 8.75 -15.32
C ARG A 71 -3.49 9.40 -14.15
N GLU A 72 -4.70 8.91 -13.88
CA GLU A 72 -5.41 9.29 -12.67
C GLU A 72 -5.05 8.29 -11.58
N ILE A 73 -4.33 8.77 -10.57
CA ILE A 73 -3.93 7.94 -9.44
C ILE A 73 -5.09 7.86 -8.46
N VAL A 74 -5.51 6.64 -8.16
CA VAL A 74 -6.64 6.39 -7.29
C VAL A 74 -6.12 5.60 -6.10
N ILE A 75 -6.29 6.15 -4.89
CA ILE A 75 -5.72 5.54 -3.68
C ILE A 75 -6.78 5.19 -2.65
N ILE A 76 -6.71 3.96 -2.14
CA ILE A 76 -7.59 3.48 -1.09
C ILE A 76 -6.74 3.32 0.17
N ASP A 77 -7.05 4.12 1.17
CA ASP A 77 -6.45 4.04 2.50
C ASP A 77 -7.26 3.00 3.29
N THR A 78 -6.61 2.35 4.25
CA THR A 78 -7.23 1.23 4.95
C THR A 78 -7.16 1.41 6.46
N PRO A 79 -8.17 0.87 7.19
CA PRO A 79 -8.10 0.77 8.65
C PRO A 79 -7.21 -0.40 9.06
N ASP A 80 -7.24 -0.78 10.33
CA ASP A 80 -6.32 -1.80 10.83
C ASP A 80 -6.82 -3.22 10.55
N MET A 81 -7.00 -3.54 9.27
N MET A 81 -7.01 -3.54 9.27
CA MET A 81 -7.51 -4.85 8.85
CA MET A 81 -7.53 -4.85 8.86
C MET A 81 -6.42 -5.91 8.81
C MET A 81 -6.42 -5.88 8.66
N PHE A 82 -5.18 -5.47 8.86
CA PHE A 82 -4.02 -6.37 8.67
C PHE A 82 -3.34 -6.80 9.97
N SER A 83 -4.01 -6.53 11.08
CA SER A 83 -3.53 -7.01 12.38
C SER A 83 -3.86 -8.50 12.50
N TRP A 84 -3.06 -9.23 13.28
CA TRP A 84 -3.32 -10.66 13.49
C TRP A 84 -4.71 -10.93 14.09
N LYS A 85 -5.02 -10.28 15.22
CA LYS A 85 -6.38 -10.33 15.75
C LYS A 85 -7.22 -9.21 15.14
N ASP A 86 -8.52 -9.38 15.23
CA ASP A 86 -9.45 -8.44 14.75
C ASP A 86 -9.37 -7.19 15.62
N HIS A 87 -8.97 -6.10 15.00
CA HIS A 87 -8.96 -4.79 15.64
C HIS A 87 -9.91 -3.86 14.98
N CYS A 88 -10.86 -4.41 14.24
CA CYS A 88 -11.91 -3.65 13.57
C CYS A 88 -13.29 -3.92 14.16
N GLU A 89 -14.09 -2.89 14.23
CA GLU A 89 -15.48 -3.01 14.68
C GLU A 89 -16.26 -3.88 13.69
N ALA A 90 -15.92 -3.75 12.41
CA ALA A 90 -16.58 -4.49 11.35
C ALA A 90 -15.56 -4.93 10.30
N LEU A 91 -14.75 -5.93 10.64
CA LEU A 91 -13.66 -6.39 9.76
C LEU A 91 -14.13 -6.91 8.40
N TYR A 92 -15.07 -7.84 8.39
CA TYR A 92 -15.63 -8.36 7.13
C TYR A 92 -16.17 -7.24 6.23
N LYS A 93 -16.91 -6.32 6.85
CA LYS A 93 -17.50 -5.20 6.13
C LYS A 93 -16.43 -4.29 5.50
N GLU A 94 -15.36 -4.01 6.26
CA GLU A 94 -14.27 -3.15 5.78
C GLU A 94 -13.46 -3.80 4.66
N VAL A 95 -13.27 -5.11 4.73
CA VAL A 95 -12.64 -5.85 3.62
C VAL A 95 -13.50 -5.71 2.35
N GLN A 96 -14.81 -5.92 2.50
CA GLN A 96 -15.74 -5.76 1.38
C GLN A 96 -15.68 -4.33 0.81
N ARG A 97 -15.69 -3.33 1.69
CA ARG A 97 -15.54 -1.93 1.28
CA ARG A 97 -15.53 -1.93 1.27
C ARG A 97 -14.23 -1.73 0.50
N CYS A 98 -13.14 -2.28 1.02
CA CYS A 98 -11.85 -2.22 0.34
C CYS A 98 -11.92 -2.79 -1.10
N TYR A 99 -12.49 -3.99 -1.22
CA TYR A 99 -12.70 -4.61 -2.54
C TYR A 99 -13.55 -3.75 -3.49
N LEU A 100 -14.68 -3.23 -2.99
CA LEU A 100 -15.59 -2.44 -3.81
C LEU A 100 -14.96 -1.13 -4.28
N LEU A 101 -14.18 -0.51 -3.40
CA LEU A 101 -13.46 0.72 -3.71
C LEU A 101 -12.29 0.54 -4.69
N SER A 102 -11.73 -0.66 -4.74
CA SER A 102 -10.55 -0.94 -5.57
C SER A 102 -10.87 -1.76 -6.83
N ALA A 103 -12.12 -2.22 -6.95
CA ALA A 103 -12.54 -3.02 -8.10
C ALA A 103 -12.33 -2.26 -9.41
N PRO A 104 -11.93 -2.95 -10.49
CA PRO A 104 -11.80 -4.40 -10.65
C PRO A 104 -10.47 -5.01 -10.18
N GLY A 105 -9.65 -4.23 -9.47
CA GLY A 105 -8.42 -4.76 -8.89
C GLY A 105 -7.35 -3.69 -8.79
N PRO A 106 -6.47 -3.80 -7.78
CA PRO A 106 -5.42 -2.77 -7.64
C PRO A 106 -4.30 -3.00 -8.64
N HIS A 107 -3.72 -1.92 -9.17
CA HIS A 107 -2.50 -2.06 -9.94
C HIS A 107 -1.34 -2.33 -8.98
N VAL A 108 -1.44 -1.74 -7.79
CA VAL A 108 -0.37 -1.82 -6.79
C VAL A 108 -0.97 -1.99 -5.40
N LEU A 109 -0.43 -2.95 -4.64
CA LEU A 109 -0.58 -2.96 -3.19
C LEU A 109 0.69 -2.34 -2.62
N LEU A 110 0.55 -1.20 -1.96
CA LEU A 110 1.67 -0.55 -1.35
C LEU A 110 1.76 -0.98 0.12
N LEU A 111 2.73 -1.85 0.42
CA LEU A 111 2.89 -2.37 1.76
C LEU A 111 3.77 -1.42 2.56
N VAL A 112 3.11 -0.64 3.42
CA VAL A 112 3.75 0.43 4.15
C VAL A 112 4.35 -0.10 5.44
N THR A 113 5.64 0.15 5.60
CA THR A 113 6.40 -0.28 6.78
CA THR A 113 6.35 -0.25 6.81
C THR A 113 7.27 0.90 7.25
N GLN A 114 7.50 1.01 8.55
CA GLN A 114 8.38 2.06 9.05
C GLN A 114 9.81 1.54 9.07
N LEU A 115 10.72 2.32 8.49
CA LEU A 115 12.12 1.97 8.43
C LEU A 115 12.70 1.81 9.84
N GLY A 116 13.38 0.69 10.06
CA GLY A 116 13.95 0.35 11.37
C GLY A 116 12.96 -0.19 12.38
N ARG A 117 11.71 -0.40 11.95
CA ARG A 117 10.66 -0.92 12.83
C ARG A 117 9.85 -2.05 12.16
N TYR A 118 10.52 -2.93 11.42
CA TYR A 118 9.84 -4.11 10.88
C TYR A 118 9.80 -5.18 11.98
N THR A 119 8.60 -5.38 12.55
CA THR A 119 8.40 -6.28 13.69
C THR A 119 7.57 -7.49 13.31
N SER A 120 7.35 -8.40 14.27
CA SER A 120 6.44 -9.53 14.05
C SER A 120 5.03 -9.09 13.63
N GLN A 121 4.62 -7.90 14.05
CA GLN A 121 3.30 -7.38 13.67
C GLN A 121 3.25 -6.98 12.19
N ASP A 122 4.39 -6.56 11.67
CA ASP A 122 4.55 -6.33 10.27
C ASP A 122 4.54 -7.66 9.48
N GLN A 123 5.13 -8.70 10.04
CA GLN A 123 5.08 -10.00 9.41
C GLN A 123 3.65 -10.49 9.35
N GLN A 124 2.93 -10.31 10.43
CA GLN A 124 1.53 -10.59 10.50
C GLN A 124 0.74 -9.82 9.46
N ALA A 125 1.02 -8.55 9.30
CA ALA A 125 0.31 -7.74 8.31
C ALA A 125 0.48 -8.31 6.90
N ALA A 126 1.69 -8.76 6.57
CA ALA A 126 1.99 -9.33 5.25
C ALA A 126 1.22 -10.63 5.00
N GLN A 127 1.12 -11.46 6.04
CA GLN A 127 0.27 -12.66 5.99
C GLN A 127 -1.21 -12.33 5.77
N ARG A 128 -1.70 -11.31 6.48
CA ARG A 128 -3.07 -10.83 6.34
C ARG A 128 -3.34 -10.26 4.95
N VAL A 129 -2.36 -9.59 4.36
CA VAL A 129 -2.45 -9.16 2.95
C VAL A 129 -2.71 -10.38 2.04
N LYS A 130 -1.95 -11.45 2.23
CA LYS A 130 -2.18 -12.67 1.45
C LYS A 130 -3.55 -13.32 1.73
N GLU A 131 -3.98 -13.32 2.99
CA GLU A 131 -5.32 -13.83 3.34
C GLU A 131 -6.44 -13.05 2.64
N ILE A 132 -6.33 -11.73 2.68
CA ILE A 132 -7.41 -10.85 2.21
C ILE A 132 -7.42 -10.75 0.68
N PHE A 133 -6.24 -10.70 0.06
CA PHE A 133 -6.14 -10.49 -1.38
C PHE A 133 -5.71 -11.72 -2.21
N GLY A 134 -5.18 -12.74 -1.54
CA GLY A 134 -4.81 -13.96 -2.25
C GLY A 134 -3.33 -14.23 -2.18
N GLU A 135 -2.98 -15.51 -2.33
CA GLU A 135 -1.62 -15.97 -2.17
C GLU A 135 -0.68 -15.38 -3.21
N ASP A 136 -1.24 -14.76 -4.26
CA ASP A 136 -0.45 -14.13 -5.33
C ASP A 136 -0.28 -12.61 -5.19
N ALA A 137 -0.87 -12.04 -4.14
CA ALA A 137 -0.89 -10.58 -3.95
C ALA A 137 0.49 -9.95 -3.91
N MET A 138 1.49 -10.68 -3.40
CA MET A 138 2.86 -10.16 -3.29
C MET A 138 3.45 -9.80 -4.64
N GLY A 139 2.95 -10.44 -5.68
CA GLY A 139 3.38 -10.15 -7.03
C GLY A 139 2.99 -8.80 -7.57
N HIS A 140 2.05 -8.14 -6.93
CA HIS A 140 1.71 -6.79 -7.25
C HIS A 140 1.99 -5.83 -6.09
N THR A 141 2.84 -6.24 -5.18
CA THR A 141 3.13 -5.45 -4.03
C THR A 141 4.49 -4.74 -4.14
N ILE A 142 4.53 -3.49 -3.69
CA ILE A 142 5.78 -2.74 -3.50
C ILE A 142 5.92 -2.40 -2.00
N VAL A 143 7.11 -2.60 -1.44
CA VAL A 143 7.36 -2.25 -0.05
C VAL A 143 7.74 -0.78 0.05
N LEU A 144 6.90 -0.01 0.73
CA LEU A 144 7.18 1.39 0.98
C LEU A 144 7.69 1.55 2.40
N PHE A 145 8.92 2.05 2.51
CA PHE A 145 9.53 2.37 3.79
C PHE A 145 9.31 3.84 4.11
N THR A 146 8.69 4.10 5.24
CA THR A 146 8.47 5.44 5.70
C THR A 146 9.53 5.80 6.75
N HIS A 147 9.60 7.07 7.09
CA HIS A 147 10.62 7.56 7.98
C HIS A 147 12.02 7.41 7.36
N LYS A 148 12.13 7.69 6.09
CA LYS A 148 13.36 7.63 5.35
C LYS A 148 14.48 8.46 5.97
N GLU A 149 14.11 9.59 6.53
CA GLU A 149 15.04 10.52 7.16
C GLU A 149 15.89 9.85 8.25
N ASP A 150 15.38 8.76 8.82
CA ASP A 150 16.05 8.06 9.91
C ASP A 150 17.28 7.25 9.48
N LEU A 151 17.49 7.11 8.17
CA LEU A 151 18.73 6.55 7.61
C LEU A 151 19.92 7.44 7.95
N GLY A 154 22.58 6.73 5.44
CA GLY A 154 23.05 6.09 4.21
C GLY A 154 21.94 5.91 3.20
N SER A 155 22.09 4.95 2.31
CA SER A 155 21.08 4.64 1.30
C SER A 155 20.17 3.51 1.77
N LEU A 156 18.99 3.41 1.16
CA LEU A 156 18.04 2.35 1.48
C LEU A 156 18.62 0.96 1.19
N MET A 157 19.33 0.84 0.06
CA MET A 157 19.99 -0.41 -0.34
C MET A 157 21.04 -0.86 0.69
N ASP A 158 21.84 0.11 1.17
CA ASP A 158 22.86 -0.15 2.17
C ASP A 158 22.27 -0.65 3.49
N TYR A 159 21.13 -0.08 3.89
CA TYR A 159 20.42 -0.53 5.10
C TYR A 159 19.91 -1.96 4.95
N MET A 160 19.37 -2.28 3.78
CA MET A 160 18.86 -3.62 3.47
C MET A 160 19.94 -4.69 3.57
N HIS A 161 21.10 -4.41 2.98
CA HIS A 161 22.24 -5.33 2.99
C HIS A 161 22.82 -5.50 4.40
N ASP A 162 22.79 -4.41 5.17
CA ASP A 162 23.31 -4.40 6.55
C ASP A 162 22.31 -4.95 7.56
N SER A 163 21.06 -5.07 7.15
CA SER A 163 20.00 -5.55 8.03
C SER A 163 20.13 -7.04 8.30
N ASP A 164 20.03 -7.42 9.57
CA ASP A 164 19.95 -8.83 9.95
C ASP A 164 18.52 -9.20 10.35
N ASN A 165 17.58 -8.42 9.83
CA ASN A 165 16.15 -8.70 9.95
C ASN A 165 15.77 -9.65 8.81
N LYS A 166 15.84 -10.95 9.09
CA LYS A 166 15.58 -11.98 8.08
C LYS A 166 14.15 -11.96 7.57
N ALA A 167 13.21 -11.65 8.46
CA ALA A 167 11.79 -11.53 8.10
C ALA A 167 11.60 -10.45 7.02
N LEU A 168 12.26 -9.31 7.19
CA LEU A 168 12.20 -8.22 6.23
C LEU A 168 12.80 -8.60 4.88
N SER A 169 13.95 -9.26 4.93
CA SER A 169 14.61 -9.73 3.71
C SER A 169 13.74 -10.71 2.92
N LYS A 170 13.06 -11.62 3.63
CA LYS A 170 12.09 -12.52 3.01
C LYS A 170 10.94 -11.74 2.37
N LEU A 171 10.42 -10.75 3.08
CA LEU A 171 9.33 -9.93 2.54
C LEU A 171 9.76 -9.24 1.23
N VAL A 172 10.90 -8.55 1.29
CA VAL A 172 11.42 -7.86 0.12
C VAL A 172 11.63 -8.82 -1.07
N ALA A 173 12.27 -9.96 -0.81
CA ALA A 173 12.45 -10.99 -1.84
C ALA A 173 11.11 -11.44 -2.45
N ALA A 174 10.11 -11.64 -1.59
CA ALA A 174 8.77 -12.05 -2.03
C ALA A 174 8.13 -10.99 -2.93
N CYS A 175 8.51 -9.74 -2.72
CA CYS A 175 8.05 -8.61 -3.52
C CYS A 175 9.03 -8.26 -4.65
N GLY A 176 9.85 -9.24 -5.05
CA GLY A 176 10.76 -9.07 -6.17
C GLY A 176 11.75 -7.92 -6.04
N GLY A 177 12.11 -7.59 -4.80
CA GLY A 177 13.05 -6.50 -4.53
C GLY A 177 12.49 -5.11 -4.77
N ARG A 178 11.17 -5.01 -4.89
CA ARG A 178 10.50 -3.73 -5.16
C ARG A 178 10.31 -2.93 -3.89
N ILE A 179 11.19 -1.95 -3.70
CA ILE A 179 11.19 -1.13 -2.49
C ILE A 179 11.31 0.35 -2.83
N CYS A 180 10.78 1.19 -1.96
CA CYS A 180 10.87 2.63 -2.11
C CYS A 180 10.80 3.27 -0.73
N ALA A 181 11.48 4.40 -0.54
CA ALA A 181 11.46 5.07 0.75
C ALA A 181 10.85 6.47 0.65
N PHE A 182 10.03 6.79 1.64
CA PHE A 182 9.37 8.08 1.76
C PHE A 182 9.75 8.74 3.08
N ASN A 183 9.95 10.04 3.04
CA ASN A 183 9.80 10.90 4.20
C ASN A 183 8.50 11.62 4.01
N ASN A 184 7.47 11.16 4.71
CA ASN A 184 6.15 11.72 4.60
C ASN A 184 6.03 13.19 5.02
N ARG A 185 7.01 13.66 5.75
CA ARG A 185 7.06 15.07 6.09
C ARG A 185 7.82 15.89 5.04
N ALA A 186 8.22 15.26 3.97
CA ALA A 186 8.90 15.95 2.87
C ALA A 186 7.97 16.95 2.19
N GLU A 187 8.54 18.08 1.77
CA GLU A 187 7.78 19.11 1.07
C GLU A 187 8.51 19.51 -0.22
N GLY A 188 7.80 20.21 -1.10
CA GLY A 188 8.39 20.81 -2.30
C GLY A 188 9.09 19.82 -3.22
N SER A 189 10.34 20.13 -3.57
CA SER A 189 11.10 19.32 -4.51
C SER A 189 11.45 17.92 -3.95
N ASN A 190 11.69 17.86 -2.66
CA ASN A 190 11.98 16.60 -2.01
C ASN A 190 10.76 15.69 -2.09
N GLN A 191 9.59 16.26 -1.91
CA GLN A 191 8.35 15.53 -2.06
C GLN A 191 8.20 15.02 -3.48
N ASP A 192 8.48 15.87 -4.45
CA ASP A 192 8.40 15.48 -5.84
C ASP A 192 9.31 14.36 -6.23
N ASP A 193 10.56 14.44 -5.83
CA ASP A 193 11.52 13.42 -6.12
C ASP A 193 11.12 12.05 -5.58
N GLN A 194 10.61 11.99 -4.34
CA GLN A 194 10.24 10.70 -3.76
C GLN A 194 9.04 10.11 -4.46
N VAL A 195 8.10 10.94 -4.83
CA VAL A 195 6.91 10.46 -5.55
C VAL A 195 7.31 10.00 -6.95
N LYS A 196 8.22 10.74 -7.58
CA LYS A 196 8.78 10.33 -8.87
C LYS A 196 9.43 8.94 -8.76
N GLU A 197 10.21 8.73 -7.70
CA GLU A 197 10.84 7.43 -7.43
C GLU A 197 9.79 6.32 -7.33
N LEU A 198 8.74 6.56 -6.55
CA LEU A 198 7.66 5.57 -6.43
C LEU A 198 6.98 5.29 -7.78
N MET A 199 6.67 6.35 -8.53
CA MET A 199 6.05 6.18 -9.84
C MET A 199 6.94 5.39 -10.82
N ASP A 200 8.25 5.59 -10.73
CA ASP A 200 9.21 4.80 -11.51
C ASP A 200 9.09 3.32 -11.17
N CYS A 201 9.02 3.03 -9.86
CA CYS A 201 8.83 1.67 -9.35
CA CYS A 201 8.86 1.68 -9.36
C CYS A 201 7.55 1.05 -9.87
N ILE A 202 6.48 1.83 -9.81
CA ILE A 202 5.17 1.40 -10.30
C ILE A 202 5.18 1.12 -11.80
N GLU A 203 5.80 2.01 -12.58
CA GLU A 203 5.92 1.83 -14.03
C GLU A 203 6.68 0.53 -14.34
N ASP A 204 7.76 0.28 -13.60
CA ASP A 204 8.55 -0.95 -13.79
C ASP A 204 7.72 -2.21 -13.47
N LEU A 205 6.94 -2.17 -12.40
CA LEU A 205 6.04 -3.28 -12.06
C LEU A 205 4.96 -3.49 -13.12
N LEU A 206 4.34 -2.40 -13.55
CA LEU A 206 3.34 -2.47 -14.61
C LEU A 206 3.92 -3.04 -15.89
N MET A 207 5.15 -2.67 -16.23
CA MET A 207 5.83 -3.26 -17.38
C MET A 207 5.93 -4.79 -17.22
N GLU A 208 6.38 -5.24 -16.05
CA GLU A 208 6.55 -6.67 -15.75
C GLU A 208 5.23 -7.44 -15.85
N LYS A 209 4.12 -6.73 -15.59
CA LYS A 209 2.80 -7.34 -15.57
C LYS A 209 1.98 -7.00 -16.81
N ASN A 210 2.64 -6.49 -17.85
CA ASN A 210 1.99 -6.16 -19.12
C ASN A 210 0.84 -5.16 -18.96
N GLY A 211 0.97 -4.25 -17.98
CA GLY A 211 -0.01 -3.22 -17.72
C GLY A 211 -1.22 -3.65 -16.90
N ASP A 212 -1.30 -4.94 -16.58
CA ASP A 212 -2.49 -5.49 -15.91
C ASP A 212 -2.58 -5.06 -14.45
N HIS A 213 -3.81 -4.90 -13.97
CA HIS A 213 -4.01 -4.78 -12.53
C HIS A 213 -4.06 -6.17 -11.93
N TYR A 214 -3.86 -6.27 -10.62
CA TYR A 214 -4.10 -7.50 -9.90
C TYR A 214 -5.58 -7.89 -9.95
N THR A 215 -5.84 -9.20 -10.01
CA THR A 215 -7.21 -9.70 -9.94
C THR A 215 -7.28 -11.01 -9.16
N ASN A 216 -8.49 -11.37 -8.75
CA ASN A 216 -8.77 -12.67 -8.16
C ASN A 216 -10.26 -12.94 -8.37
N GLY A 217 -10.75 -14.07 -7.88
CA GLY A 217 -12.13 -14.48 -8.09
C GLY A 217 -13.18 -13.52 -7.55
N LEU A 218 -12.90 -12.91 -6.39
CA LEU A 218 -13.84 -11.92 -5.82
C LEU A 218 -13.88 -10.63 -6.64
N TYR A 219 -12.71 -10.15 -7.08
CA TYR A 219 -12.68 -9.00 -7.98
C TYR A 219 -13.45 -9.23 -9.28
N SER A 220 -13.26 -10.39 -9.92
CA SER A 220 -13.96 -10.65 -11.18
C SER A 220 -15.46 -10.80 -10.98
N LEU A 221 -15.83 -11.42 -9.87
CA LEU A 221 -17.24 -11.58 -9.50
C LEU A 221 -17.93 -10.22 -9.31
N ILE A 222 -17.25 -9.31 -8.61
CA ILE A 222 -17.73 -7.93 -8.44
C ILE A 222 -17.89 -7.24 -9.80
N GLN A 223 -16.89 -7.39 -10.67
CA GLN A 223 -16.90 -6.73 -11.97
C GLN A 223 -18.08 -7.23 -12.82
N ARG A 224 -18.30 -8.54 -12.83
CA ARG A 224 -19.44 -9.12 -13.53
C ARG A 224 -20.79 -8.69 -12.93
N SER A 225 -20.85 -8.67 -11.60
CA SER A 225 -22.09 -8.28 -10.91
C SER A 225 -22.49 -6.84 -11.26
N LYS A 226 -21.49 -5.98 -11.37
CA LYS A 226 -21.66 -4.58 -11.63
C LYS A 226 -22.24 -4.26 -12.97
N CYS A 227 -21.99 -5.10 -13.94
CA CYS A 227 -22.56 -4.94 -15.27
C CYS A 227 -24.03 -5.42 -15.37
N GLY A 228 -24.46 -6.20 -14.39
CA GLY A 228 -25.86 -6.45 -14.13
C GLY A 228 -26.35 -7.71 -14.71
N PRO A 229 -27.61 -8.05 -14.47
CA PRO A 229 -28.18 -9.21 -15.08
C PRO A 229 -28.44 -8.90 -16.54
N VAL A 230 -28.30 -9.93 -17.36
CA VAL A 230 -28.47 -9.82 -18.78
C VAL A 230 -29.85 -10.28 -19.21
#